data_8H1Y
#
_entry.id   8H1Y
#
_cell.length_a   61.238
_cell.length_b   61.238
_cell.length_c   208.097
_cell.angle_alpha   90.000
_cell.angle_beta   90.000
_cell.angle_gamma   90.000
#
_symmetry.space_group_name_H-M   'P 41 21 2'
#
loop_
_entity.id
_entity.type
_entity.pdbx_description
1 polymer 'Serine palmitoyltransferase'
2 non-polymer 1,2-ETHANEDIOL
3 non-polymer '(2~{S})-2-[[2-methyl-3-oxidanyl-5-(phosphonooxymethyl)pyridin-4-yl]methylamino]-4-oxidanyl-butanoic acid'
4 water water
#
_entity_poly.entity_id   1
_entity_poly.type   'polypeptide(L)'
_entity_poly.pdbx_seq_one_letter_code
;MSKGKLGEKISQFKIVEELKAKGLYAYFRPIQSKQDTEVKIDGRRVLMFGSNSYLGLTTDTRIIKAAQDALEKYGTGCAG
SRFLNGTLDIHVELEEKLSAYVGKEAAILFSTGFQSNLGPLSCLMGRNDYILLDERDHASIIDGSRLSFSKVIKYGHNNM
EDLRAKLSRLPEDSAKLICTDGIFSMEGDIVNLPELTSIANEFDAAVMVDDAHSLGVIGHKGAGTASHFGLNDDVDLIMG
TFSKSLASLGGFVAGDADVIDFLKHNARSVMFSASMTPASVASTLKALEIIQNEPEHIEKLWKNTDYAKAQLLDHGFDLG
ATESPILPIFIRSNEKTFWVTKMLQDDGVFVNPVVSPAVPAEESLIRFSLMATHTYDQIDEAIEKMVKVFKQAEVETLI
;
_entity_poly.pdbx_strand_id   A
#
# COMPACT_ATOMS: atom_id res chain seq x y z
N SER A 2 -4.17 32.21 17.05
CA SER A 2 -4.21 33.45 16.24
C SER A 2 -3.74 33.12 14.81
N LYS A 3 -4.14 33.87 13.78
CA LYS A 3 -4.07 33.34 12.41
C LYS A 3 -3.20 34.17 11.46
N GLY A 4 -2.50 35.21 11.88
CA GLY A 4 -1.73 36.05 10.93
C GLY A 4 -0.66 35.25 10.19
N LYS A 5 0.29 34.66 10.92
CA LYS A 5 1.42 33.91 10.33
C LYS A 5 0.88 32.62 9.69
N LEU A 6 -0.14 32.02 10.29
CA LEU A 6 -0.72 30.75 9.77
C LEU A 6 -1.35 31.01 8.41
N GLY A 7 -2.08 32.12 8.30
CA GLY A 7 -2.68 32.53 7.01
C GLY A 7 -1.60 32.70 5.95
N GLU A 8 -0.45 33.24 6.31
CA GLU A 8 0.67 33.43 5.35
C GLU A 8 1.27 32.07 4.93
N LYS A 9 1.39 31.14 5.86
CA LYS A 9 1.97 29.79 5.59
C LYS A 9 1.18 29.06 4.49
N ILE A 10 -0.15 29.23 4.45
CA ILE A 10 -1.04 28.42 3.55
C ILE A 10 -1.40 29.27 2.31
N SER A 11 -1.02 30.56 2.30
CA SER A 11 -1.42 31.58 1.29
C SER A 11 -1.02 31.18 -0.14
N GLN A 12 0.11 30.53 -0.34
CA GLN A 12 0.64 30.24 -1.70
C GLN A 12 0.14 28.91 -2.23
N PHE A 13 -0.62 28.14 -1.45
CA PHE A 13 -1.19 26.85 -1.91
C PHE A 13 -2.45 27.14 -2.72
N LYS A 14 -2.32 27.35 -4.05
CA LYS A 14 -3.50 27.73 -4.87
C LYS A 14 -4.00 26.64 -5.82
N ILE A 15 -3.28 25.54 -5.97
CA ILE A 15 -3.62 24.52 -6.99
C ILE A 15 -5.07 24.06 -6.80
N VAL A 16 -5.55 23.86 -5.58
CA VAL A 16 -6.90 23.31 -5.37
C VAL A 16 -7.92 24.37 -5.84
N GLU A 17 -7.74 25.61 -5.44
CA GLU A 17 -8.57 26.75 -5.92
C GLU A 17 -8.62 26.73 -7.45
N GLU A 18 -7.45 26.60 -8.07
CA GLU A 18 -7.38 26.67 -9.54
C GLU A 18 -8.07 25.46 -10.17
N LEU A 19 -7.82 24.25 -9.68
CA LEU A 19 -8.49 23.02 -10.19
C LEU A 19 -10.00 23.19 -10.08
N LYS A 20 -10.51 23.64 -8.96
CA LYS A 20 -11.96 23.76 -8.75
C LYS A 20 -12.54 24.83 -9.68
N ALA A 21 -11.84 25.94 -9.87
CA ALA A 21 -12.34 27.06 -10.71
C ALA A 21 -12.37 26.64 -12.19
N LYS A 22 -11.44 25.78 -12.59
CA LYS A 22 -11.34 25.27 -13.97
C LYS A 22 -12.30 24.10 -14.17
N GLY A 23 -12.93 23.59 -13.12
CA GLY A 23 -13.83 22.44 -13.26
C GLY A 23 -13.02 21.17 -13.47
N LEU A 24 -11.78 21.11 -12.96
CA LEU A 24 -10.91 19.91 -13.15
C LEU A 24 -10.78 19.11 -11.84
N TYR A 25 -11.29 19.62 -10.74
CA TYR A 25 -11.00 19.02 -9.40
C TYR A 25 -11.73 17.67 -9.29
N ALA A 26 -11.00 16.64 -8.87
CA ALA A 26 -11.50 15.24 -8.78
C ALA A 26 -10.81 14.52 -7.63
N TYR A 27 -10.42 15.26 -6.57
CA TYR A 27 -9.97 14.66 -5.29
C TYR A 27 -11.20 14.49 -4.39
N PHE A 28 -11.11 13.57 -3.42
CA PHE A 28 -12.14 13.36 -2.38
C PHE A 28 -13.52 13.19 -3.04
N ARG A 29 -13.56 12.56 -4.23
CA ARG A 29 -14.85 12.29 -4.93
C ARG A 29 -15.75 11.48 -3.97
N PRO A 30 -16.92 11.99 -3.54
CA PRO A 30 -17.79 11.26 -2.61
C PRO A 30 -18.58 10.05 -3.18
N ILE A 31 -18.12 8.85 -2.88
CA ILE A 31 -18.78 7.60 -3.34
C ILE A 31 -19.98 7.29 -2.45
N GLN A 32 -21.03 6.75 -3.05
CA GLN A 32 -22.33 6.61 -2.38
C GLN A 32 -22.66 5.15 -2.16
N SER A 33 -21.73 4.27 -2.50
CA SER A 33 -21.97 2.83 -2.63
C SER A 33 -20.75 2.06 -2.15
N LYS A 34 -20.87 0.74 -2.05
CA LYS A 34 -19.72 -0.10 -1.63
C LYS A 34 -18.59 0.07 -2.65
N GLN A 35 -17.35 -0.03 -2.19
CA GLN A 35 -16.17 -0.07 -3.06
C GLN A 35 -16.34 -1.36 -3.87
N ASP A 36 -16.39 -1.24 -5.19
CA ASP A 36 -16.64 -2.39 -6.09
C ASP A 36 -16.12 -2.00 -7.46
N THR A 37 -16.32 -2.88 -8.44
CA THR A 37 -15.89 -2.59 -9.83
C THR A 37 -16.71 -1.44 -10.47
N GLU A 38 -17.92 -1.18 -9.98
CA GLU A 38 -18.68 0.05 -10.31
C GLU A 38 -19.07 0.68 -8.98
N VAL A 39 -18.95 1.99 -8.90
CA VAL A 39 -19.31 2.80 -7.70
C VAL A 39 -20.29 3.87 -8.16
N LYS A 40 -21.11 4.35 -7.24
CA LYS A 40 -22.09 5.41 -7.50
C LYS A 40 -21.51 6.72 -7.00
N ILE A 41 -21.38 7.71 -7.88
CA ILE A 41 -20.96 9.08 -7.52
C ILE A 41 -21.97 10.03 -8.15
N ASP A 42 -22.57 10.91 -7.35
CA ASP A 42 -23.60 11.87 -7.83
C ASP A 42 -24.73 11.10 -8.50
N GLY A 43 -25.06 9.95 -7.95
CA GLY A 43 -26.19 9.09 -8.38
C GLY A 43 -25.90 8.31 -9.66
N ARG A 44 -24.76 8.52 -10.32
N ARG A 44 -24.72 8.51 -10.28
CA ARG A 44 -24.42 7.83 -11.59
CA ARG A 44 -24.26 7.90 -11.54
C ARG A 44 -23.32 6.79 -11.35
C ARG A 44 -23.45 6.64 -11.25
N ARG A 45 -23.38 5.71 -12.12
N ARG A 45 -23.27 5.78 -12.24
CA ARG A 45 -22.40 4.59 -12.08
CA ARG A 45 -22.40 4.58 -12.12
C ARG A 45 -21.08 4.99 -12.75
C ARG A 45 -21.08 4.83 -12.83
N VAL A 46 -19.97 4.55 -12.13
CA VAL A 46 -18.59 4.89 -12.54
C VAL A 46 -17.76 3.61 -12.40
N LEU A 47 -17.01 3.25 -13.44
CA LEU A 47 -16.12 2.06 -13.39
C LEU A 47 -14.94 2.40 -12.48
N MET A 48 -14.59 1.53 -11.55
CA MET A 48 -13.54 1.82 -10.54
C MET A 48 -12.22 1.15 -10.98
N PHE A 49 -11.27 1.92 -11.46
CA PHE A 49 -9.93 1.38 -11.77
C PHE A 49 -8.90 2.12 -10.93
N GLY A 50 -9.36 2.69 -9.80
CA GLY A 50 -8.51 3.50 -8.90
C GLY A 50 -8.42 2.93 -7.51
N SER A 51 -8.64 1.62 -7.34
CA SER A 51 -8.80 1.01 -6.01
C SER A 51 -7.55 0.23 -5.62
N ASN A 52 -7.42 -0.09 -4.33
CA ASN A 52 -6.39 -1.04 -3.85
C ASN A 52 -7.06 -2.36 -3.42
N SER A 53 -8.37 -2.55 -3.65
CA SER A 53 -9.00 -3.81 -3.25
C SER A 53 -8.75 -4.87 -4.32
N TYR A 54 -7.52 -5.39 -4.36
CA TYR A 54 -7.00 -6.18 -5.50
C TYR A 54 -7.83 -7.45 -5.71
N LEU A 55 -8.41 -7.99 -4.64
CA LEU A 55 -9.20 -9.24 -4.77
C LEU A 55 -10.71 -8.94 -4.70
N GLY A 56 -11.15 -7.68 -4.67
CA GLY A 56 -12.58 -7.31 -4.71
C GLY A 56 -13.36 -7.74 -3.47
N LEU A 57 -12.68 -7.96 -2.35
CA LEU A 57 -13.30 -8.67 -1.18
C LEU A 57 -14.03 -7.76 -0.21
N THR A 58 -14.08 -6.44 -0.42
CA THR A 58 -14.82 -5.55 0.51
C THR A 58 -16.33 -5.80 0.37
N THR A 59 -16.79 -6.48 -0.68
CA THR A 59 -18.22 -6.79 -0.90
C THR A 59 -18.58 -8.25 -0.62
N ASP A 60 -17.61 -9.05 -0.23
CA ASP A 60 -17.83 -10.49 0.06
C ASP A 60 -18.77 -10.57 1.27
N THR A 61 -19.96 -11.12 1.07
CA THR A 61 -21.02 -11.22 2.10
C THR A 61 -20.51 -12.00 3.32
N ARG A 62 -19.60 -12.94 3.15
CA ARG A 62 -19.04 -13.72 4.30
C ARG A 62 -18.20 -12.80 5.17
N ILE A 63 -17.47 -11.89 4.53
CA ILE A 63 -16.57 -10.94 5.23
C ILE A 63 -17.42 -9.87 5.91
N ILE A 64 -18.50 -9.43 5.26
CA ILE A 64 -19.44 -8.45 5.85
C ILE A 64 -20.08 -9.15 7.05
N LYS A 65 -20.49 -10.40 6.89
CA LYS A 65 -21.23 -11.06 8.01
C LYS A 65 -20.27 -11.24 9.19
N ALA A 66 -19.01 -11.63 8.94
CA ALA A 66 -18.00 -11.79 10.00
C ALA A 66 -17.88 -10.48 10.79
N ALA A 67 -17.76 -9.36 10.11
CA ALA A 67 -17.66 -8.02 10.71
C ALA A 67 -18.93 -7.72 11.53
N GLN A 68 -20.09 -7.97 10.97
CA GLN A 68 -21.38 -7.71 11.66
C GLN A 68 -21.49 -8.59 12.91
N ASP A 69 -21.05 -9.84 12.83
CA ASP A 69 -21.12 -10.76 14.01
C ASP A 69 -20.15 -10.26 15.07
N ALA A 70 -18.99 -9.76 14.69
CA ALA A 70 -17.99 -9.26 15.68
C ALA A 70 -18.53 -7.98 16.35
N LEU A 71 -19.24 -7.14 15.62
CA LEU A 71 -19.93 -5.97 16.22
C LEU A 71 -20.95 -6.46 17.26
N GLU A 72 -21.72 -7.48 16.92
CA GLU A 72 -22.76 -8.03 17.83
C GLU A 72 -22.09 -8.50 19.13
N LYS A 73 -20.99 -9.25 19.01
CA LYS A 73 -20.34 -9.91 20.16
C LYS A 73 -19.50 -8.90 20.97
N TYR A 74 -18.75 -8.05 20.28
CA TYR A 74 -17.67 -7.20 20.88
C TYR A 74 -17.95 -5.69 20.89
N GLY A 75 -18.99 -5.22 20.22
CA GLY A 75 -19.31 -3.80 20.16
C GLY A 75 -18.45 -3.06 19.13
N THR A 76 -18.46 -1.73 19.23
CA THR A 76 -17.99 -0.84 18.16
C THR A 76 -16.52 -0.48 18.29
N GLY A 77 -15.89 -0.76 19.43
CA GLY A 77 -14.51 -0.35 19.66
C GLY A 77 -14.03 -0.89 20.97
N CYS A 78 -12.73 -0.94 21.14
CA CYS A 78 -12.05 -1.48 22.34
C CYS A 78 -11.68 -0.32 23.31
N ALA A 79 -11.66 0.94 22.87
CA ALA A 79 -11.47 2.13 23.74
C ALA A 79 -10.17 2.07 24.52
N GLY A 80 -9.11 1.52 23.96
CA GLY A 80 -7.77 1.62 24.57
C GLY A 80 -6.68 1.07 23.68
N SER A 81 -5.43 1.33 24.04
CA SER A 81 -4.26 0.71 23.40
C SER A 81 -4.32 -0.80 23.63
N ARG A 82 -3.78 -1.56 22.68
CA ARG A 82 -3.53 -3.02 22.87
C ARG A 82 -2.80 -3.29 24.19
N PHE A 83 -1.78 -2.45 24.46
CA PHE A 83 -0.88 -2.41 25.63
C PHE A 83 -1.71 -2.56 26.92
N LEU A 84 -2.77 -1.78 27.01
CA LEU A 84 -3.61 -1.71 28.22
C LEU A 84 -4.92 -2.53 28.06
N ASN A 85 -6.05 -1.88 27.78
CA ASN A 85 -7.41 -2.48 27.88
C ASN A 85 -7.97 -2.78 26.48
N GLY A 86 -7.15 -2.66 25.44
CA GLY A 86 -7.59 -2.75 24.05
C GLY A 86 -7.29 -4.05 23.34
N THR A 87 -6.79 -5.09 24.00
CA THR A 87 -6.53 -6.40 23.39
C THR A 87 -7.77 -7.28 23.55
N LEU A 88 -8.18 -7.90 22.45
CA LEU A 88 -9.20 -8.97 22.43
C LEU A 88 -8.52 -10.28 22.05
N ASP A 89 -9.11 -11.37 22.44
CA ASP A 89 -8.76 -12.73 21.97
C ASP A 89 -8.67 -12.75 20.45
N ILE A 90 -9.55 -12.06 19.74
CA ILE A 90 -9.52 -12.06 18.26
C ILE A 90 -8.32 -11.28 17.73
N HIS A 91 -7.78 -10.26 18.42
CA HIS A 91 -6.52 -9.65 17.93
C HIS A 91 -5.42 -10.71 17.95
N VAL A 92 -5.35 -11.49 19.03
CA VAL A 92 -4.25 -12.49 19.23
C VAL A 92 -4.41 -13.58 18.16
N GLU A 93 -5.63 -14.03 17.95
CA GLU A 93 -5.96 -15.00 16.88
C GLU A 93 -5.44 -14.48 15.54
N LEU A 94 -5.76 -13.24 15.19
CA LEU A 94 -5.27 -12.69 13.89
C LEU A 94 -3.75 -12.62 13.88
N GLU A 95 -3.09 -12.27 14.98
CA GLU A 95 -1.61 -12.26 15.00
C GLU A 95 -1.03 -13.66 14.74
N GLU A 96 -1.62 -14.69 15.34
CA GLU A 96 -1.13 -16.08 15.19
C GLU A 96 -1.34 -16.48 13.73
N LYS A 97 -2.51 -16.16 13.16
N LYS A 97 -2.46 -16.11 13.10
CA LYS A 97 -2.88 -16.50 11.75
CA LYS A 97 -2.78 -16.59 11.72
C LYS A 97 -1.87 -15.85 10.80
C LYS A 97 -2.01 -15.79 10.66
N LEU A 98 -1.68 -14.53 10.94
CA LEU A 98 -0.71 -13.79 10.10
C LEU A 98 0.70 -14.38 10.21
N SER A 99 1.16 -14.67 11.42
CA SER A 99 2.51 -15.23 11.63
C SER A 99 2.64 -16.50 10.78
N ALA A 100 1.63 -17.36 10.83
CA ALA A 100 1.65 -18.65 10.10
C ALA A 100 1.67 -18.36 8.59
N TYR A 101 0.86 -17.38 8.18
CA TYR A 101 0.68 -17.07 6.75
C TYR A 101 2.03 -16.66 6.16
N VAL A 102 2.73 -15.78 6.85
CA VAL A 102 4.00 -15.24 6.28
C VAL A 102 5.22 -16.01 6.81
N GLY A 103 5.02 -16.98 7.67
CA GLY A 103 6.09 -17.92 8.02
C GLY A 103 7.05 -17.32 9.02
N LYS A 104 6.52 -16.55 9.99
CA LYS A 104 7.31 -15.92 11.08
C LYS A 104 6.82 -16.36 12.45
N GLU A 105 7.63 -16.13 13.45
CA GLU A 105 7.29 -16.58 14.84
C GLU A 105 6.05 -15.86 15.40
N ALA A 106 5.91 -14.58 15.11
CA ALA A 106 5.08 -13.68 15.93
C ALA A 106 4.70 -12.47 15.08
N ALA A 107 3.62 -11.83 15.45
CA ALA A 107 3.16 -10.57 14.82
C ALA A 107 2.55 -9.66 15.89
N ILE A 108 2.57 -8.38 15.57
CA ILE A 108 1.83 -7.33 16.31
C ILE A 108 1.00 -6.55 15.29
N LEU A 109 -0.27 -6.36 15.59
CA LEU A 109 -1.19 -5.55 14.80
C LEU A 109 -1.00 -4.08 15.18
N PHE A 110 -1.29 -3.24 14.20
CA PHE A 110 -1.49 -1.78 14.34
C PHE A 110 -2.83 -1.39 13.72
N SER A 111 -3.34 -0.24 14.14
CA SER A 111 -4.71 0.18 13.75
C SER A 111 -4.75 0.75 12.31
N THR A 112 -3.61 1.03 11.73
CA THR A 112 -3.45 1.35 10.28
C THR A 112 -2.17 0.75 9.76
N GLY A 113 -2.14 0.58 8.44
CA GLY A 113 -0.88 0.29 7.75
C GLY A 113 0.15 1.34 8.04
N PHE A 114 -0.26 2.58 7.92
CA PHE A 114 0.67 3.71 8.13
C PHE A 114 1.41 3.56 9.48
N GLN A 115 0.68 3.31 10.57
CA GLN A 115 1.26 3.18 11.94
C GLN A 115 2.09 1.90 12.05
N SER A 116 1.84 0.90 11.22
CA SER A 116 2.59 -0.38 11.17
C SER A 116 4.01 -0.11 10.68
N ASN A 117 4.21 0.86 9.82
CA ASN A 117 5.58 1.31 9.46
C ASN A 117 6.14 2.23 10.56
N LEU A 118 5.35 3.14 11.14
CA LEU A 118 5.93 4.06 12.16
C LEU A 118 6.55 3.22 13.29
N GLY A 119 5.92 2.10 13.63
CA GLY A 119 6.35 1.35 14.82
C GLY A 119 7.80 0.87 14.77
N PRO A 120 8.18 -0.09 13.88
CA PRO A 120 9.56 -0.61 13.90
C PRO A 120 10.60 0.41 13.43
N LEU A 121 10.23 1.33 12.51
CA LEU A 121 11.21 2.29 11.96
C LEU A 121 11.53 3.33 13.04
N SER A 122 10.60 3.64 13.94
CA SER A 122 10.84 4.66 14.99
C SER A 122 11.71 4.09 16.14
N CYS A 123 11.65 2.79 16.46
CA CYS A 123 12.14 2.36 17.79
C CYS A 123 13.26 1.31 17.74
N LEU A 124 13.69 0.80 16.59
CA LEU A 124 14.74 -0.27 16.58
C LEU A 124 16.12 0.35 16.41
N MET A 125 16.30 1.16 15.36
CA MET A 125 17.58 1.87 15.15
C MET A 125 17.51 3.16 15.98
N GLY A 126 18.58 3.49 16.70
CA GLY A 126 18.64 4.72 17.50
C GLY A 126 19.85 5.59 17.20
N ARG A 127 20.28 6.37 18.21
CA ARG A 127 21.46 7.24 18.08
C ARG A 127 22.65 6.37 17.64
N ASN A 128 23.46 6.89 16.74
CA ASN A 128 24.65 6.21 16.18
C ASN A 128 24.29 5.05 15.24
N ASP A 129 23.00 4.79 15.00
CA ASP A 129 22.57 3.73 14.05
C ASP A 129 22.13 4.36 12.72
N TYR A 130 21.76 3.52 11.77
CA TYR A 130 21.41 3.98 10.40
C TYR A 130 20.20 3.23 9.87
N ILE A 131 19.36 3.95 9.12
CA ILE A 131 18.26 3.33 8.35
C ILE A 131 18.50 3.67 6.88
N LEU A 132 18.47 2.64 6.05
CA LEU A 132 18.71 2.74 4.59
C LEU A 132 17.37 2.50 3.89
N LEU A 133 16.91 3.50 3.13
CA LEU A 133 15.59 3.51 2.50
C LEU A 133 15.72 3.61 0.99
N ASP A 134 15.03 2.76 0.25
CA ASP A 134 14.87 3.03 -1.19
C ASP A 134 14.24 4.41 -1.37
N GLU A 135 14.72 5.22 -2.32
CA GLU A 135 14.26 6.62 -2.46
C GLU A 135 12.78 6.68 -2.82
N ARG A 136 12.18 5.58 -3.29
CA ARG A 136 10.76 5.50 -3.70
C ARG A 136 9.93 4.88 -2.59
N ASP A 137 10.50 4.66 -1.41
CA ASP A 137 9.71 4.01 -0.33
C ASP A 137 8.45 4.80 -0.05
N HIS A 138 7.41 4.13 0.45
CA HIS A 138 6.17 4.81 0.85
C HIS A 138 6.41 5.95 1.87
N ALA A 139 5.54 6.95 1.82
CA ALA A 139 5.61 8.10 2.74
C ALA A 139 5.66 7.60 4.18
N SER A 140 4.93 6.56 4.51
CA SER A 140 4.86 6.10 5.93
C SER A 140 6.23 5.58 6.39
N ILE A 141 7.02 5.06 5.47
CA ILE A 141 8.37 4.51 5.77
C ILE A 141 9.29 5.69 6.01
N ILE A 142 9.22 6.75 5.20
N ILE A 142 9.20 6.70 5.16
CA ILE A 142 10.09 7.95 5.43
CA ILE A 142 9.98 7.96 5.33
C ILE A 142 9.68 8.59 6.75
C ILE A 142 9.68 8.49 6.72
N ASP A 143 8.38 8.65 7.02
CA ASP A 143 7.90 9.26 8.29
C ASP A 143 8.36 8.38 9.46
N GLY A 144 8.19 7.06 9.40
CA GLY A 144 8.64 6.16 10.49
C GLY A 144 10.11 6.38 10.80
N SER A 145 10.89 6.51 9.74
N SER A 145 10.94 6.41 9.77
CA SER A 145 12.35 6.60 9.79
CA SER A 145 12.40 6.58 9.89
C SER A 145 12.76 7.94 10.41
C SER A 145 12.70 7.93 10.53
N ARG A 146 11.99 8.98 10.11
N ARG A 146 12.05 9.03 10.10
CA ARG A 146 12.14 10.35 10.65
CA ARG A 146 12.31 10.35 10.76
C ARG A 146 11.81 10.38 12.14
C ARG A 146 11.97 10.26 12.24
N LEU A 147 10.99 9.44 12.62
CA LEU A 147 10.64 9.36 14.07
C LEU A 147 11.72 8.61 14.86
N SER A 148 12.62 7.89 14.19
CA SER A 148 13.78 7.26 14.86
C SER A 148 14.77 8.37 15.24
N PHE A 149 15.72 8.01 16.11
CA PHE A 149 16.83 8.91 16.51
C PHE A 149 18.05 8.49 15.72
N SER A 150 17.83 7.74 14.64
CA SER A 150 18.95 7.28 13.79
C SER A 150 19.24 8.27 12.65
N LYS A 151 20.32 8.03 11.93
CA LYS A 151 20.64 8.71 10.66
C LYS A 151 19.97 7.97 9.50
N VAL A 152 19.07 8.65 8.76
CA VAL A 152 18.30 8.09 7.61
C VAL A 152 18.98 8.44 6.30
N ILE A 153 19.25 7.40 5.51
CA ILE A 153 20.02 7.48 4.23
C ILE A 153 19.12 6.89 3.13
N LYS A 154 18.82 7.67 2.09
CA LYS A 154 18.15 7.12 0.90
C LYS A 154 19.17 6.58 -0.09
N TYR A 155 18.80 5.47 -0.74
CA TYR A 155 19.57 4.92 -1.89
C TYR A 155 18.70 5.00 -3.13
N GLY A 156 19.38 5.01 -4.27
CA GLY A 156 18.76 5.01 -5.60
C GLY A 156 17.73 3.91 -5.71
N HIS A 157 16.64 4.20 -6.39
CA HIS A 157 15.56 3.23 -6.59
C HIS A 157 16.13 1.94 -7.17
N ASN A 158 15.97 0.84 -6.42
CA ASN A 158 16.44 -0.51 -6.77
C ASN A 158 17.90 -0.47 -7.23
N ASN A 159 18.69 0.44 -6.68
CA ASN A 159 20.10 0.60 -7.07
C ASN A 159 20.95 -0.08 -6.00
N MET A 160 21.34 -1.33 -6.27
CA MET A 160 22.08 -2.17 -5.32
C MET A 160 23.54 -1.69 -5.19
N GLU A 161 24.11 -1.13 -6.26
CA GLU A 161 25.48 -0.55 -6.19
C GLU A 161 25.44 0.62 -5.20
N ASP A 162 24.41 1.45 -5.28
CA ASP A 162 24.28 2.63 -4.37
C ASP A 162 24.03 2.17 -2.93
N LEU A 163 23.13 1.21 -2.74
CA LEU A 163 22.89 0.60 -1.40
C LEU A 163 24.20 0.06 -0.82
N ARG A 164 24.88 -0.80 -1.56
CA ARG A 164 26.16 -1.37 -1.09
C ARG A 164 27.15 -0.24 -0.79
N ALA A 165 27.31 0.77 -1.65
CA ALA A 165 28.29 1.85 -1.45
C ALA A 165 27.98 2.59 -0.17
N LYS A 166 26.69 2.90 0.06
CA LYS A 166 26.32 3.72 1.25
C LYS A 166 26.48 2.94 2.54
N LEU A 167 26.22 1.62 2.52
CA LEU A 167 26.47 0.76 3.70
C LEU A 167 27.97 0.68 3.99
N SER A 168 28.81 0.59 2.94
CA SER A 168 30.26 0.33 3.09
C SER A 168 30.94 1.52 3.78
N ARG A 169 30.33 2.71 3.71
CA ARG A 169 30.84 3.97 4.29
C ARG A 169 30.61 4.08 5.80
N LEU A 170 29.69 3.27 6.36
CA LEU A 170 29.19 3.46 7.74
C LEU A 170 30.11 2.77 8.72
N PRO A 171 30.22 3.26 9.98
CA PRO A 171 30.99 2.56 11.01
C PRO A 171 30.56 1.10 11.23
N GLU A 172 31.51 0.20 11.45
CA GLU A 172 31.16 -1.22 11.76
C GLU A 172 30.35 -1.27 13.05
N ASP A 173 30.76 -0.53 14.09
CA ASP A 173 30.14 -0.58 15.44
C ASP A 173 28.87 0.29 15.41
N SER A 174 27.93 -0.05 14.53
CA SER A 174 26.61 0.60 14.47
C SER A 174 25.65 -0.42 13.91
N ALA A 175 24.38 -0.27 14.27
CA ALA A 175 23.33 -1.14 13.73
C ALA A 175 22.77 -0.44 12.49
N LYS A 176 22.32 -1.25 11.55
CA LYS A 176 21.74 -0.81 10.27
C LYS A 176 20.47 -1.56 10.00
N LEU A 177 19.50 -0.87 9.42
N LEU A 177 19.49 -0.87 9.42
CA LEU A 177 18.24 -1.48 8.95
CA LEU A 177 18.22 -1.48 8.97
C LEU A 177 17.95 -0.98 7.54
C LEU A 177 17.90 -0.99 7.56
N ILE A 178 17.65 -1.91 6.63
CA ILE A 178 17.21 -1.58 5.24
C ILE A 178 15.71 -1.76 5.22
N CYS A 179 14.96 -0.74 4.85
CA CYS A 179 13.52 -0.90 4.66
C CYS A 179 13.14 -0.57 3.22
N THR A 180 12.38 -1.44 2.59
CA THR A 180 11.93 -1.29 1.19
C THR A 180 10.45 -1.66 1.05
N ASP A 181 9.72 -0.97 0.18
CA ASP A 181 8.46 -1.51 -0.39
C ASP A 181 8.80 -2.84 -1.09
N GLY A 182 7.87 -3.78 -1.05
CA GLY A 182 7.95 -5.05 -1.79
C GLY A 182 7.54 -4.79 -3.21
N ILE A 183 6.25 -4.52 -3.41
CA ILE A 183 5.76 -3.87 -4.66
C ILE A 183 5.63 -2.39 -4.39
N PHE A 184 6.32 -1.60 -5.22
CA PHE A 184 6.30 -0.12 -5.17
C PHE A 184 5.03 0.34 -5.90
N SER A 185 4.17 1.13 -5.28
CA SER A 185 2.82 1.37 -5.85
C SER A 185 2.82 2.32 -7.06
N MET A 186 3.82 3.20 -7.18
N MET A 186 3.79 3.23 -7.21
CA MET A 186 3.85 4.25 -8.23
CA MET A 186 3.70 4.26 -8.29
C MET A 186 3.92 3.56 -9.59
C MET A 186 3.90 3.55 -9.64
N GLU A 187 5.01 2.82 -9.82
CA GLU A 187 5.28 2.14 -11.10
C GLU A 187 4.90 0.64 -11.03
N GLY A 188 4.57 0.12 -9.86
CA GLY A 188 4.12 -1.28 -9.72
C GLY A 188 5.26 -2.29 -9.82
N ASP A 189 6.51 -1.87 -9.63
CA ASP A 189 7.74 -2.70 -9.74
C ASP A 189 8.05 -3.39 -8.43
N ILE A 190 8.86 -4.44 -8.52
CA ILE A 190 9.22 -5.30 -7.36
C ILE A 190 10.65 -4.99 -6.95
N VAL A 191 10.90 -4.92 -5.66
CA VAL A 191 12.26 -4.75 -5.09
C VAL A 191 13.13 -5.91 -5.59
N ASN A 192 14.40 -5.63 -5.85
CA ASN A 192 15.43 -6.68 -6.08
C ASN A 192 15.77 -7.33 -4.73
N LEU A 193 14.86 -8.12 -4.18
CA LEU A 193 15.07 -8.70 -2.84
C LEU A 193 16.28 -9.66 -2.81
N PRO A 194 16.55 -10.45 -3.87
CA PRO A 194 17.77 -11.30 -3.79
C PRO A 194 19.07 -10.50 -3.58
N GLU A 195 19.30 -9.45 -4.36
CA GLU A 195 20.56 -8.67 -4.21
C GLU A 195 20.50 -7.88 -2.89
N LEU A 196 19.37 -7.25 -2.53
CA LEU A 196 19.29 -6.42 -1.30
C LEU A 196 19.61 -7.30 -0.08
N THR A 197 19.11 -8.53 -0.05
CA THR A 197 19.31 -9.41 1.12
C THR A 197 20.73 -9.95 1.09
N SER A 198 21.30 -10.17 -0.09
N SER A 198 21.30 -10.16 -0.09
CA SER A 198 22.73 -10.56 -0.26
CA SER A 198 22.73 -10.55 -0.24
C SER A 198 23.61 -9.49 0.41
C SER A 198 23.61 -9.49 0.42
N ILE A 199 23.36 -8.21 0.11
CA ILE A 199 24.11 -7.07 0.66
C ILE A 199 23.83 -6.97 2.17
N ALA A 200 22.58 -7.09 2.60
CA ALA A 200 22.23 -7.02 4.03
C ALA A 200 23.02 -8.09 4.79
N ASN A 201 23.09 -9.30 4.23
CA ASN A 201 23.84 -10.43 4.86
C ASN A 201 25.33 -10.09 4.98
N GLU A 202 25.91 -9.48 3.96
CA GLU A 202 27.34 -9.08 3.96
C GLU A 202 27.60 -8.02 5.04
N PHE A 203 26.66 -7.09 5.29
CA PHE A 203 26.86 -5.97 6.25
C PHE A 203 26.12 -6.22 7.59
N ASP A 204 25.51 -7.37 7.76
CA ASP A 204 24.72 -7.71 8.97
C ASP A 204 23.64 -6.63 9.22
N ALA A 205 22.99 -6.15 8.16
CA ALA A 205 21.91 -5.17 8.28
C ALA A 205 20.57 -5.90 8.41
N ALA A 206 19.70 -5.40 9.29
CA ALA A 206 18.32 -5.91 9.37
C ALA A 206 17.58 -5.58 8.08
N VAL A 207 16.65 -6.43 7.67
CA VAL A 207 15.81 -6.22 6.46
C VAL A 207 14.35 -6.17 6.84
N MET A 208 13.67 -5.10 6.46
CA MET A 208 12.21 -4.97 6.59
C MET A 208 11.62 -4.72 5.21
N VAL A 209 10.54 -5.45 4.92
CA VAL A 209 9.81 -5.33 3.61
C VAL A 209 8.38 -4.91 3.93
N ASP A 210 7.90 -3.86 3.27
CA ASP A 210 6.53 -3.36 3.35
C ASP A 210 5.75 -4.02 2.22
N ASP A 211 4.90 -4.98 2.58
CA ASP A 211 4.15 -5.79 1.59
C ASP A 211 2.70 -5.29 1.40
N ALA A 212 2.43 -4.02 1.67
CA ALA A 212 1.08 -3.45 1.46
C ALA A 212 0.49 -3.95 0.14
N HIS A 213 1.19 -3.77 -0.99
CA HIS A 213 0.68 -4.10 -2.34
C HIS A 213 1.05 -5.53 -2.76
N SER A 214 1.73 -6.29 -1.91
CA SER A 214 2.21 -7.66 -2.23
C SER A 214 1.24 -8.68 -1.65
N LEU A 215 0.73 -8.46 -0.44
CA LEU A 215 -0.15 -9.47 0.19
C LEU A 215 -1.41 -9.67 -0.66
N GLY A 216 -1.72 -10.91 -0.99
CA GLY A 216 -2.89 -11.23 -1.82
C GLY A 216 -2.58 -11.08 -3.28
N VAL A 217 -1.32 -10.80 -3.63
CA VAL A 217 -0.92 -10.43 -5.03
C VAL A 217 0.22 -11.32 -5.49
N ILE A 218 1.35 -11.34 -4.79
CA ILE A 218 2.51 -12.22 -5.12
C ILE A 218 2.83 -13.07 -3.91
N GLY A 219 3.67 -14.06 -4.13
CA GLY A 219 4.04 -15.08 -3.13
C GLY A 219 3.04 -16.24 -3.12
N HIS A 220 3.37 -17.35 -2.47
CA HIS A 220 2.51 -18.55 -2.44
C HIS A 220 1.23 -18.23 -1.67
N LYS A 221 0.08 -18.43 -2.31
CA LYS A 221 -1.27 -18.10 -1.78
C LYS A 221 -1.28 -16.63 -1.33
N GLY A 222 -0.47 -15.79 -1.97
CA GLY A 222 -0.44 -14.34 -1.73
C GLY A 222 0.40 -13.91 -0.55
N ALA A 223 1.27 -14.76 -0.02
CA ALA A 223 1.98 -14.51 1.25
C ALA A 223 3.03 -13.40 1.12
N GLY A 224 3.27 -12.87 -0.07
CA GLY A 224 4.08 -11.64 -0.21
C GLY A 224 5.43 -11.79 -0.87
N THR A 225 6.29 -10.81 -0.68
CA THR A 225 7.51 -10.63 -1.50
C THR A 225 8.57 -11.63 -1.07
N ALA A 226 8.83 -11.81 0.23
CA ALA A 226 9.79 -12.85 0.71
C ALA A 226 9.30 -14.17 0.13
N SER A 227 8.02 -14.49 0.23
CA SER A 227 7.45 -15.76 -0.27
C SER A 227 7.72 -15.88 -1.79
N HIS A 228 7.50 -14.79 -2.52
CA HIS A 228 7.71 -14.71 -3.99
C HIS A 228 9.14 -15.13 -4.35
N PHE A 229 10.15 -14.71 -3.59
CA PHE A 229 11.58 -14.96 -3.91
C PHE A 229 12.16 -16.16 -3.14
N GLY A 230 11.42 -16.75 -2.20
CA GLY A 230 11.91 -17.87 -1.36
C GLY A 230 12.87 -17.39 -0.28
N LEU A 231 12.77 -16.11 0.12
CA LEU A 231 13.78 -15.44 0.96
C LEU A 231 13.25 -15.13 2.37
N ASN A 232 12.22 -15.86 2.84
CA ASN A 232 11.74 -15.76 4.24
C ASN A 232 12.92 -15.64 5.23
N ASP A 233 13.93 -16.49 5.09
CA ASP A 233 15.04 -16.61 6.06
C ASP A 233 16.01 -15.42 6.01
N ASP A 234 15.88 -14.53 5.01
CA ASP A 234 16.78 -13.37 4.84
C ASP A 234 16.04 -12.05 5.12
N VAL A 235 14.79 -12.12 5.55
CA VAL A 235 13.97 -10.91 5.86
C VAL A 235 13.60 -10.94 7.33
N ASP A 236 14.07 -9.96 8.09
CA ASP A 236 13.82 -9.91 9.56
C ASP A 236 12.38 -9.54 9.91
N LEU A 237 11.75 -8.65 9.14
CA LEU A 237 10.45 -8.05 9.48
C LEU A 237 9.62 -7.97 8.21
N ILE A 238 8.50 -8.63 8.20
CA ILE A 238 7.50 -8.53 7.12
C ILE A 238 6.37 -7.66 7.65
N MET A 239 6.17 -6.54 7.02
CA MET A 239 5.10 -5.60 7.33
C MET A 239 4.03 -5.73 6.27
N GLY A 240 2.77 -5.72 6.69
CA GLY A 240 1.67 -5.67 5.72
C GLY A 240 0.59 -4.73 6.21
N THR A 241 -0.39 -4.49 5.34
N THR A 241 -0.39 -4.51 5.33
CA THR A 241 -1.57 -3.67 5.61
CA THR A 241 -1.58 -3.68 5.60
C THR A 241 -2.82 -4.51 5.36
C THR A 241 -2.84 -4.50 5.32
N PHE A 242 -3.95 -4.15 5.96
CA PHE A 242 -5.24 -4.84 5.77
C PHE A 242 -6.15 -4.01 4.84
N SER A 243 -5.68 -2.87 4.34
CA SER A 243 -6.55 -1.90 3.66
C SER A 243 -6.68 -2.20 2.17
N LYS A 244 -6.01 -3.23 1.66
CA LYS A 244 -5.91 -3.45 0.18
C LYS A 244 -6.52 -4.82 -0.11
N SER A 245 -5.74 -5.85 -0.37
CA SER A 245 -6.34 -7.19 -0.65
C SER A 245 -7.27 -7.61 0.51
N LEU A 246 -6.84 -7.33 1.74
CA LEU A 246 -7.53 -7.86 2.94
C LEU A 246 -8.77 -7.03 3.29
N ALA A 247 -9.14 -6.02 2.49
CA ALA A 247 -10.48 -5.43 2.42
C ALA A 247 -10.94 -4.70 3.69
N SER A 248 -9.99 -4.27 4.50
N SER A 248 -9.98 -4.29 4.52
CA SER A 248 -10.28 -3.90 5.91
CA SER A 248 -10.27 -3.88 5.92
C SER A 248 -9.44 -2.65 6.24
C SER A 248 -9.51 -2.59 6.26
N LEU A 249 -9.01 -2.52 7.49
CA LEU A 249 -8.24 -1.37 7.97
C LEU A 249 -7.29 -1.89 9.03
N GLY A 250 -6.08 -1.44 9.00
CA GLY A 250 -5.05 -1.85 9.98
C GLY A 250 -3.84 -2.45 9.30
N GLY A 251 -2.90 -2.96 10.07
CA GLY A 251 -1.73 -3.64 9.52
C GLY A 251 -1.00 -4.40 10.56
N PHE A 252 0.18 -4.91 10.22
CA PHE A 252 0.93 -5.76 11.15
C PHE A 252 2.40 -5.69 10.79
N VAL A 253 3.20 -6.14 11.74
CA VAL A 253 4.64 -6.43 11.54
C VAL A 253 4.89 -7.80 12.12
N ALA A 254 5.47 -8.69 11.30
CA ALA A 254 5.73 -10.06 11.75
C ALA A 254 7.23 -10.28 11.76
N GLY A 255 7.69 -11.15 12.65
CA GLY A 255 9.11 -11.48 12.71
C GLY A 255 9.41 -12.40 13.85
N ASP A 256 10.64 -12.37 14.30
CA ASP A 256 11.11 -13.22 15.43
C ASP A 256 10.40 -12.75 16.70
N ALA A 257 10.05 -13.70 17.58
CA ALA A 257 9.28 -13.46 18.81
C ALA A 257 9.99 -12.43 19.68
N ASP A 258 11.30 -12.47 19.79
CA ASP A 258 12.01 -11.50 20.68
C ASP A 258 11.88 -10.08 20.09
N VAL A 259 12.06 -9.94 18.77
CA VAL A 259 11.96 -8.62 18.07
C VAL A 259 10.53 -8.09 18.24
N ILE A 260 9.55 -8.94 18.03
CA ILE A 260 8.13 -8.50 18.06
C ILE A 260 7.74 -8.13 19.50
N ASP A 261 8.23 -8.90 20.50
N ASP A 261 8.23 -8.87 20.50
CA ASP A 261 8.05 -8.56 21.93
CA ASP A 261 8.00 -8.50 21.90
C ASP A 261 8.65 -7.18 22.21
C ASP A 261 8.64 -7.14 22.21
N PHE A 262 9.84 -6.87 21.68
CA PHE A 262 10.45 -5.55 21.85
C PHE A 262 9.50 -4.50 21.25
N LEU A 263 9.07 -4.74 20.00
N LEU A 263 9.05 -4.76 20.02
CA LEU A 263 8.24 -3.79 19.21
CA LEU A 263 8.30 -3.76 19.23
C LEU A 263 6.99 -3.44 19.99
C LEU A 263 6.97 -3.46 19.89
N LYS A 264 6.26 -4.49 20.37
CA LYS A 264 4.89 -4.30 20.91
C LYS A 264 4.99 -3.52 22.22
N HIS A 265 6.14 -3.49 22.90
CA HIS A 265 6.28 -2.75 24.18
C HIS A 265 7.05 -1.42 24.01
N ASN A 266 7.55 -1.08 22.81
CA ASN A 266 8.43 0.10 22.60
C ASN A 266 7.97 1.04 21.47
N ALA A 267 7.15 0.56 20.56
CA ALA A 267 6.66 1.35 19.41
C ALA A 267 5.53 2.24 19.90
N ARG A 268 5.74 3.55 19.85
CA ARG A 268 4.72 4.53 20.27
C ARG A 268 3.43 4.36 19.47
N SER A 269 3.49 3.96 18.20
CA SER A 269 2.25 3.86 17.39
C SER A 269 1.40 2.67 17.85
N VAL A 270 1.89 1.74 18.67
CA VAL A 270 1.00 0.69 19.25
C VAL A 270 0.76 0.99 20.74
N MET A 271 1.72 1.54 21.48
N MET A 271 1.75 1.56 21.44
CA MET A 271 1.46 1.85 22.93
CA MET A 271 1.60 1.92 22.89
C MET A 271 0.41 2.97 23.03
C MET A 271 0.54 3.02 23.08
N PHE A 272 0.41 3.93 22.13
CA PHE A 272 -0.34 5.19 22.36
C PHE A 272 -1.42 5.45 21.31
N SER A 273 -2.00 4.38 20.78
CA SER A 273 -3.10 4.43 19.80
C SER A 273 -4.04 3.26 20.03
N ALA A 274 -5.35 3.51 19.89
CA ALA A 274 -6.42 2.56 20.17
C ALA A 274 -6.28 1.38 19.20
N SER A 275 -6.69 0.21 19.65
CA SER A 275 -6.56 -1.05 18.88
C SER A 275 -7.60 -1.11 17.75
N MET A 276 -7.32 -1.96 16.79
CA MET A 276 -8.27 -2.22 15.68
C MET A 276 -9.68 -2.52 16.19
N THR A 277 -10.70 -1.99 15.53
CA THR A 277 -12.13 -2.30 15.86
C THR A 277 -12.36 -3.79 15.69
N PRO A 278 -13.22 -4.39 16.52
CA PRO A 278 -13.60 -5.79 16.34
C PRO A 278 -14.04 -6.14 14.92
N ALA A 279 -14.90 -5.34 14.35
CA ALA A 279 -15.34 -5.53 12.96
C ALA A 279 -14.12 -5.67 12.01
N SER A 280 -13.10 -4.81 12.12
CA SER A 280 -11.91 -4.87 11.24
C SER A 280 -11.08 -6.12 11.53
N VAL A 281 -10.97 -6.54 12.80
CA VAL A 281 -10.24 -7.81 13.10
C VAL A 281 -10.94 -8.96 12.36
N ALA A 282 -12.24 -9.09 12.57
CA ALA A 282 -13.06 -10.19 12.01
C ALA A 282 -13.07 -10.13 10.47
N SER A 283 -13.12 -8.95 9.87
CA SER A 283 -13.10 -8.89 8.38
C SER A 283 -11.72 -9.34 7.88
N THR A 284 -10.65 -8.93 8.57
CA THR A 284 -9.28 -9.30 8.16
C THR A 284 -9.09 -10.81 8.30
N LEU A 285 -9.54 -11.38 9.41
CA LEU A 285 -9.45 -12.85 9.65
C LEU A 285 -10.17 -13.59 8.52
N LYS A 286 -11.39 -13.19 8.18
N LYS A 286 -11.40 -13.22 8.21
CA LYS A 286 -12.25 -13.91 7.19
CA LYS A 286 -12.22 -13.94 7.19
C LYS A 286 -11.70 -13.71 5.77
C LYS A 286 -11.56 -13.76 5.82
N ALA A 287 -11.16 -12.52 5.48
CA ALA A 287 -10.49 -12.27 4.17
C ALA A 287 -9.25 -13.16 4.03
N LEU A 288 -8.44 -13.26 5.06
CA LEU A 288 -7.19 -14.07 5.05
C LEU A 288 -7.55 -15.54 4.79
N GLU A 289 -8.60 -16.06 5.44
CA GLU A 289 -9.08 -17.44 5.14
C GLU A 289 -9.43 -17.56 3.65
N ILE A 290 -10.20 -16.63 3.11
CA ILE A 290 -10.69 -16.72 1.70
C ILE A 290 -9.48 -16.65 0.73
N ILE A 291 -8.52 -15.79 0.98
CA ILE A 291 -7.37 -15.66 0.02
C ILE A 291 -6.65 -17.00 -0.12
N GLN A 292 -6.52 -17.74 0.98
CA GLN A 292 -5.81 -19.04 1.03
C GLN A 292 -6.72 -20.17 0.55
N ASN A 293 -7.96 -20.14 0.95
CA ASN A 293 -8.85 -21.31 0.66
C ASN A 293 -9.32 -21.29 -0.79
N GLU A 294 -9.37 -20.13 -1.44
CA GLU A 294 -10.09 -19.96 -2.73
C GLU A 294 -9.07 -19.39 -3.71
N PRO A 295 -8.27 -20.24 -4.39
CA PRO A 295 -7.20 -19.75 -5.23
C PRO A 295 -7.70 -18.91 -6.41
N GLU A 296 -8.99 -18.98 -6.71
CA GLU A 296 -9.56 -18.33 -7.90
C GLU A 296 -9.38 -16.81 -7.83
N HIS A 297 -9.30 -16.23 -6.61
CA HIS A 297 -9.29 -14.75 -6.46
C HIS A 297 -7.99 -14.24 -7.05
N ILE A 298 -6.88 -14.75 -6.55
CA ILE A 298 -5.55 -14.36 -7.06
C ILE A 298 -5.46 -14.70 -8.55
N GLU A 299 -5.94 -15.88 -8.98
CA GLU A 299 -5.87 -16.29 -10.41
C GLU A 299 -6.58 -15.23 -11.26
N LYS A 300 -7.77 -14.81 -10.86
CA LYS A 300 -8.61 -13.90 -11.68
C LYS A 300 -7.96 -12.52 -11.68
N LEU A 301 -7.44 -12.10 -10.53
CA LEU A 301 -6.67 -10.82 -10.51
C LEU A 301 -5.62 -10.81 -11.61
N TRP A 302 -4.82 -11.88 -11.69
CA TRP A 302 -3.70 -11.93 -12.65
C TRP A 302 -4.20 -12.07 -14.10
N LYS A 303 -5.31 -12.78 -14.32
N LYS A 303 -5.29 -12.83 -14.29
CA LYS A 303 -5.89 -12.90 -15.69
CA LYS A 303 -5.96 -12.92 -15.62
C LYS A 303 -6.37 -11.50 -16.12
C LYS A 303 -6.29 -11.50 -16.08
N ASN A 304 -6.94 -10.73 -15.20
CA ASN A 304 -7.36 -9.33 -15.49
C ASN A 304 -6.14 -8.48 -15.79
N THR A 305 -5.12 -8.60 -14.94
CA THR A 305 -3.90 -7.80 -15.07
C THR A 305 -3.29 -8.08 -16.45
N ASP A 306 -3.15 -9.36 -16.79
CA ASP A 306 -2.38 -9.73 -18.00
C ASP A 306 -3.19 -9.23 -19.19
N TYR A 307 -4.51 -9.41 -19.14
CA TYR A 307 -5.40 -8.94 -20.23
C TYR A 307 -5.31 -7.43 -20.39
N ALA A 308 -5.53 -6.68 -19.32
CA ALA A 308 -5.56 -5.20 -19.40
C ALA A 308 -4.21 -4.69 -19.92
N LYS A 309 -3.10 -5.21 -19.38
CA LYS A 309 -1.75 -4.77 -19.76
C LYS A 309 -1.55 -4.98 -21.26
N ALA A 310 -1.89 -6.19 -21.75
CA ALA A 310 -1.79 -6.54 -23.18
C ALA A 310 -2.62 -5.55 -24.00
N GLN A 311 -3.86 -5.30 -23.58
CA GLN A 311 -4.79 -4.41 -24.35
C GLN A 311 -4.19 -3.00 -24.39
N LEU A 312 -3.63 -2.52 -23.26
CA LEU A 312 -3.10 -1.13 -23.15
C LEU A 312 -1.88 -1.01 -24.06
N LEU A 313 -0.99 -2.00 -24.03
CA LEU A 313 0.23 -1.93 -24.87
C LEU A 313 -0.16 -2.01 -26.35
N ASP A 314 -1.20 -2.79 -26.68
CA ASP A 314 -1.72 -2.98 -28.06
C ASP A 314 -2.30 -1.68 -28.62
N HIS A 315 -3.01 -0.92 -27.78
CA HIS A 315 -3.54 0.42 -28.12
C HIS A 315 -2.46 1.52 -28.05
N GLY A 316 -1.23 1.19 -27.69
CA GLY A 316 -0.08 2.10 -27.86
C GLY A 316 0.16 3.00 -26.64
N PHE A 317 -0.50 2.72 -25.50
CA PHE A 317 -0.20 3.44 -24.24
C PHE A 317 1.23 3.15 -23.84
N ASP A 318 1.83 4.15 -23.23
CA ASP A 318 3.22 4.12 -22.69
C ASP A 318 3.07 3.71 -21.23
N LEU A 319 3.34 2.44 -20.91
CA LEU A 319 3.20 1.94 -19.51
C LEU A 319 4.52 2.05 -18.75
N GLY A 320 4.41 2.22 -17.44
CA GLY A 320 5.54 2.07 -16.52
C GLY A 320 5.99 0.62 -16.43
N ALA A 321 7.14 0.42 -15.81
CA ALA A 321 7.84 -0.88 -15.71
C ALA A 321 7.22 -1.72 -14.60
N THR A 322 5.94 -2.02 -14.75
CA THR A 322 5.15 -2.67 -13.70
C THR A 322 5.40 -4.18 -13.71
N GLU A 323 5.32 -4.81 -12.54
CA GLU A 323 5.32 -6.29 -12.39
C GLU A 323 4.09 -6.73 -11.60
N SER A 324 3.03 -5.95 -11.65
CA SER A 324 1.94 -6.06 -10.66
C SER A 324 0.62 -5.60 -11.27
N PRO A 325 -0.52 -5.71 -10.54
CA PRO A 325 -1.81 -5.25 -11.03
C PRO A 325 -1.97 -3.74 -11.15
N ILE A 326 -0.91 -3.02 -10.88
CA ILE A 326 -0.86 -1.54 -11.05
C ILE A 326 -0.32 -1.26 -12.45
N LEU A 327 -1.14 -0.64 -13.31
CA LEU A 327 -0.74 -0.30 -14.68
C LEU A 327 -0.59 1.22 -14.73
N PRO A 328 0.64 1.73 -14.58
CA PRO A 328 0.92 3.16 -14.64
C PRO A 328 0.93 3.59 -16.10
N ILE A 329 0.09 4.54 -16.46
CA ILE A 329 -0.05 4.98 -17.87
C ILE A 329 0.54 6.41 -17.92
N PHE A 330 1.64 6.58 -18.63
CA PHE A 330 2.33 7.90 -18.75
C PHE A 330 1.52 8.90 -19.60
N ILE A 331 1.51 10.14 -19.13
CA ILE A 331 0.85 11.28 -19.82
C ILE A 331 1.90 12.39 -20.06
N ARG A 332 2.73 12.68 -19.07
CA ARG A 332 3.96 13.50 -19.12
C ARG A 332 3.60 14.98 -19.23
N SER A 333 2.40 15.35 -18.81
CA SER A 333 1.98 16.77 -18.61
C SER A 333 1.04 16.84 -17.40
N ASN A 334 1.34 17.69 -16.43
CA ASN A 334 0.43 17.84 -15.25
C ASN A 334 -0.93 18.31 -15.73
N GLU A 335 -0.96 19.36 -16.54
CA GLU A 335 -2.23 19.89 -17.06
C GLU A 335 -2.99 18.75 -17.75
N LYS A 336 -2.37 18.00 -18.66
CA LYS A 336 -3.12 16.93 -19.37
C LYS A 336 -3.53 15.84 -18.38
N THR A 337 -2.71 15.57 -17.35
CA THR A 337 -3.04 14.51 -16.34
C THR A 337 -4.32 14.90 -15.60
N PHE A 338 -4.45 16.17 -15.18
CA PHE A 338 -5.67 16.65 -14.50
C PHE A 338 -6.84 16.57 -15.50
N TRP A 339 -6.64 17.02 -16.74
CA TRP A 339 -7.72 17.06 -17.75
C TRP A 339 -8.19 15.62 -18.02
N VAL A 340 -7.26 14.70 -18.26
CA VAL A 340 -7.63 13.30 -18.61
C VAL A 340 -8.39 12.69 -17.41
N THR A 341 -7.93 12.99 -16.19
CA THR A 341 -8.54 12.39 -15.01
C THR A 341 -10.01 12.82 -14.88
N LYS A 342 -10.26 14.12 -15.04
N LYS A 342 -10.24 14.11 -15.06
CA LYS A 342 -11.62 14.66 -14.93
CA LYS A 342 -11.59 14.70 -14.95
C LYS A 342 -12.49 14.19 -16.11
C LYS A 342 -12.48 14.23 -16.11
N MET A 343 -11.98 14.24 -17.34
CA MET A 343 -12.76 13.79 -18.52
C MET A 343 -13.19 12.32 -18.40
N LEU A 344 -12.30 11.47 -17.88
CA LEU A 344 -12.61 10.04 -17.62
C LEU A 344 -13.68 9.95 -16.54
N GLN A 345 -13.52 10.72 -15.47
CA GLN A 345 -14.53 10.75 -14.39
C GLN A 345 -15.90 11.07 -15.01
N ASP A 346 -15.94 12.09 -15.87
CA ASP A 346 -17.22 12.61 -16.39
C ASP A 346 -17.79 11.58 -17.37
N ASP A 347 -16.95 10.73 -17.95
CA ASP A 347 -17.41 9.63 -18.86
C ASP A 347 -17.52 8.30 -18.08
N GLY A 348 -17.45 8.30 -16.75
CA GLY A 348 -17.76 7.10 -15.97
C GLY A 348 -16.57 6.16 -15.76
N VAL A 349 -15.34 6.68 -15.78
CA VAL A 349 -14.11 5.89 -15.47
C VAL A 349 -13.33 6.59 -14.35
N PHE A 350 -13.03 5.83 -13.30
CA PHE A 350 -12.27 6.37 -12.14
C PHE A 350 -10.82 5.87 -12.19
N VAL A 351 -9.89 6.78 -12.43
CA VAL A 351 -8.43 6.48 -12.35
C VAL A 351 -7.75 7.50 -11.42
N ASN A 352 -6.52 7.22 -11.00
CA ASN A 352 -5.82 8.10 -10.04
C ASN A 352 -4.72 8.88 -10.72
N PRO A 353 -4.67 10.22 -10.58
CA PRO A 353 -3.57 10.98 -11.17
C PRO A 353 -2.38 11.00 -10.23
N VAL A 354 -1.18 11.01 -10.83
CA VAL A 354 0.14 11.28 -10.20
C VAL A 354 0.76 12.46 -10.95
N VAL A 355 1.00 13.53 -10.20
CA VAL A 355 1.39 14.86 -10.78
C VAL A 355 2.49 15.48 -9.91
N SER A 356 3.10 16.55 -10.40
CA SER A 356 4.00 17.39 -9.57
C SER A 356 3.19 17.97 -8.41
N PRO A 357 3.80 18.13 -7.21
CA PRO A 357 5.23 17.89 -6.98
C PRO A 357 5.68 16.49 -6.57
N ALA A 358 4.78 15.49 -6.57
CA ALA A 358 5.13 14.08 -6.27
C ALA A 358 6.01 13.47 -7.37
N VAL A 359 5.81 13.84 -8.63
CA VAL A 359 6.71 13.42 -9.76
C VAL A 359 6.99 14.65 -10.60
N PRO A 360 8.09 14.63 -11.37
CA PRO A 360 8.31 15.58 -12.46
C PRO A 360 7.12 15.64 -13.44
N ALA A 361 6.83 16.82 -13.96
CA ALA A 361 5.78 17.04 -14.98
C ALA A 361 5.87 15.93 -16.04
N GLU A 362 7.07 15.71 -16.54
CA GLU A 362 7.41 14.77 -17.65
C GLU A 362 7.23 13.30 -17.21
N GLU A 363 6.92 13.02 -15.93
CA GLU A 363 6.65 11.63 -15.43
C GLU A 363 5.22 11.51 -14.89
N SER A 364 4.41 12.57 -15.02
CA SER A 364 2.99 12.56 -14.60
C SER A 364 2.26 11.43 -15.31
N LEU A 365 1.33 10.77 -14.61
CA LEU A 365 0.70 9.57 -15.17
C LEU A 365 -0.64 9.33 -14.48
N ILE A 366 -1.48 8.48 -15.06
CA ILE A 366 -2.67 7.92 -14.35
C ILE A 366 -2.34 6.49 -13.95
N ARG A 367 -2.85 6.09 -12.77
CA ARG A 367 -2.71 4.71 -12.28
C ARG A 367 -4.02 3.97 -12.48
N PHE A 368 -3.93 2.85 -13.21
CA PHE A 368 -5.05 1.98 -13.55
C PHE A 368 -4.81 0.65 -12.85
N SER A 369 -5.59 0.36 -11.82
CA SER A 369 -5.40 -0.85 -10.98
C SER A 369 -6.49 -1.88 -11.26
N LEU A 370 -6.10 -3.14 -11.32
CA LEU A 370 -7.06 -4.22 -11.53
C LEU A 370 -7.51 -4.77 -10.18
N MET A 371 -8.76 -5.26 -10.15
N MET A 371 -8.72 -5.31 -10.17
CA MET A 371 -9.40 -6.07 -9.09
CA MET A 371 -9.33 -6.11 -9.09
C MET A 371 -9.73 -7.45 -9.67
C MET A 371 -9.76 -7.47 -9.67
N ALA A 372 -9.77 -8.50 -8.83
CA ALA A 372 -10.10 -9.86 -9.30
C ALA A 372 -11.53 -9.82 -9.87
N THR A 373 -12.41 -8.95 -9.36
CA THR A 373 -13.85 -8.96 -9.68
C THR A 373 -14.10 -8.16 -10.95
N HIS A 374 -13.12 -7.44 -11.51
CA HIS A 374 -13.29 -6.83 -12.86
C HIS A 374 -13.64 -7.92 -13.86
N THR A 375 -14.47 -7.56 -14.84
CA THR A 375 -14.73 -8.40 -16.03
C THR A 375 -13.91 -7.85 -17.19
N TYR A 376 -13.66 -8.68 -18.19
CA TYR A 376 -13.00 -8.25 -19.45
C TYR A 376 -13.84 -7.15 -20.10
N ASP A 377 -15.18 -7.24 -20.07
CA ASP A 377 -16.09 -6.22 -20.65
C ASP A 377 -15.83 -4.87 -19.98
N GLN A 378 -15.69 -4.85 -18.65
CA GLN A 378 -15.42 -3.56 -17.94
C GLN A 378 -14.08 -3.01 -18.40
N ILE A 379 -13.05 -3.85 -18.49
CA ILE A 379 -11.68 -3.41 -18.88
C ILE A 379 -11.78 -2.82 -20.28
N ASP A 380 -12.47 -3.52 -21.18
CA ASP A 380 -12.55 -3.04 -22.57
C ASP A 380 -13.25 -1.69 -22.60
N GLU A 381 -14.35 -1.52 -21.87
CA GLU A 381 -15.11 -0.24 -21.85
C GLU A 381 -14.20 0.88 -21.33
N ALA A 382 -13.49 0.65 -20.24
CA ALA A 382 -12.59 1.66 -19.69
C ALA A 382 -11.48 2.02 -20.68
N ILE A 383 -10.83 1.04 -21.32
CA ILE A 383 -9.74 1.31 -22.29
C ILE A 383 -10.31 2.08 -23.52
N GLU A 384 -11.50 1.72 -24.01
CA GLU A 384 -12.22 2.41 -25.13
C GLU A 384 -12.32 3.90 -24.76
N LYS A 385 -12.84 4.16 -23.56
CA LYS A 385 -13.05 5.54 -23.06
C LYS A 385 -11.70 6.24 -22.89
N MET A 386 -10.66 5.52 -22.42
N MET A 386 -10.66 5.52 -22.45
CA MET A 386 -9.30 6.08 -22.23
CA MET A 386 -9.32 6.13 -22.26
C MET A 386 -8.71 6.47 -23.59
C MET A 386 -8.72 6.50 -23.62
N VAL A 387 -8.92 5.67 -24.64
CA VAL A 387 -8.38 5.97 -25.99
C VAL A 387 -9.03 7.27 -26.48
N LYS A 388 -10.35 7.38 -26.30
CA LYS A 388 -11.13 8.58 -26.71
C LYS A 388 -10.59 9.81 -25.95
N VAL A 389 -10.47 9.71 -24.62
CA VAL A 389 -10.10 10.89 -23.81
C VAL A 389 -8.65 11.27 -24.14
N PHE A 390 -7.77 10.32 -24.44
CA PHE A 390 -6.33 10.63 -24.74
C PHE A 390 -6.30 11.41 -26.06
N LYS A 391 -7.17 11.01 -27.00
CA LYS A 391 -7.33 11.70 -28.30
C LYS A 391 -7.83 13.11 -28.03
N GLN A 392 -8.96 13.24 -27.32
CA GLN A 392 -9.55 14.57 -27.04
C GLN A 392 -8.50 15.47 -26.41
N ALA A 393 -7.63 14.93 -25.55
CA ALA A 393 -6.69 15.71 -24.71
C ALA A 393 -5.38 15.93 -25.46
N GLU A 394 -5.24 15.31 -26.63
N GLU A 394 -5.21 15.32 -26.63
CA GLU A 394 -4.03 15.36 -27.51
CA GLU A 394 -3.99 15.44 -27.48
C GLU A 394 -2.78 14.99 -26.68
C GLU A 394 -2.75 15.01 -26.67
N VAL A 395 -2.76 13.79 -26.12
CA VAL A 395 -1.59 13.20 -25.40
C VAL A 395 -0.64 12.59 -26.45
#